data_2EC8
#
_entry.id   2EC8
#
_cell.length_a   162.249
_cell.length_b   162.249
_cell.length_c   67.586
_cell.angle_alpha   90.00
_cell.angle_beta   90.00
_cell.angle_gamma   120.00
#
_symmetry.space_group_name_H-M   'H 3'
#
loop_
_entity.id
_entity.type
_entity.pdbx_description
1 polymer 'Mast/stem cell growth factor receptor'
2 non-polymer 2-acetamido-2-deoxy-beta-D-glucopyranose
#
_entity_poly.entity_id   1
_entity_poly.type   'polypeptide(L)'
_entity_poly.pdbx_seq_one_letter_code
;MRGARGAWDFLCVLLLLLRVQTGSSQPSVSPGEPSPPSIHPGKSDLIVRVGDEIRLLCTDPGFVKWTFEILDETNENKQN
EWITEKAEATNTGKYTCTNKHGLSNSIYVFVRDPAKLFLVDRSLYGKEDNDTLVRCPLTDPEVTNYSLKGCQGKPLPKDL
RFIPDPKAGIMIKSVKRAYHRLCLHCSVDQEGKSVLSEKFILKVRPAFKAVPVVSVSKASYLLREGEEFTVTCTIKDVSS
SVYSTWKRENSQTKLQEKYNSWHHGDFNYERQATLTISSARVNDSGVFMCYANNTFGSANVTTTLEVVDKGFINIFPMIN
TTVFVNDGENVDLIVEYEAFPKPEHQQWIYMNRTFTDKWEDYPKSENESNIRYVSELHLTRLKGTEGGTYTFLVSNSDVN
AAIAFNVYVNTKPEILTYDRLVNGMLQCVAAGFPEPTIDWYFCPGTEQRCSASVLPVDVQTLNSSGPPFGKLVVQSSIDS
SAFKHNGTVECKAYNDVGKTSAYFNFAFKGNNKEQIHPHHHHHH
;
_entity_poly.pdbx_strand_id   A
#
loop_
_chem_comp.id
_chem_comp.type
_chem_comp.name
_chem_comp.formula
NAG D-saccharide, beta linking 2-acetamido-2-deoxy-beta-D-glucopyranose 'C8 H15 N O6'
#
# COMPACT_ATOMS: atom_id res chain seq x y z
N LEU A 11 3.32 -71.32 17.54
CA LEU A 11 3.80 -72.60 18.13
C LEU A 11 5.28 -72.78 17.77
N CYS A 12 6.00 -73.56 18.58
CA CYS A 12 7.37 -73.95 18.24
C CYS A 12 7.32 -74.73 16.93
N VAL A 13 8.38 -74.65 16.16
CA VAL A 13 8.39 -75.22 14.83
C VAL A 13 8.81 -76.69 14.75
N LEU A 14 8.06 -77.47 13.98
CA LEU A 14 8.30 -78.92 13.86
C LEU A 14 9.79 -79.24 13.80
N LEU A 15 10.19 -80.25 14.56
CA LEU A 15 11.57 -80.67 14.72
C LEU A 15 12.00 -81.65 13.63
N LEU A 16 12.33 -81.09 12.46
CA LEU A 16 12.72 -81.83 11.23
C LEU A 16 14.17 -82.29 11.26
N LEU A 17 14.46 -83.36 12.00
CA LEU A 17 15.84 -83.88 12.15
C LEU A 17 16.71 -84.09 10.90
N LEU A 18 18.02 -83.92 11.15
CA LEU A 18 19.07 -84.02 10.15
C LEU A 18 20.39 -83.86 10.90
N GLU A 33 -6.55 -67.76 -0.17
CA GLU A 33 -6.06 -66.37 -0.24
C GLU A 33 -4.56 -66.26 0.14
N PRO A 34 -3.73 -65.66 -0.76
CA PRO A 34 -2.28 -65.49 -0.53
C PRO A 34 -2.03 -64.72 0.78
N SER A 35 -1.12 -65.25 1.59
CA SER A 35 -0.95 -64.83 2.99
C SER A 35 0.32 -64.00 3.36
N PRO A 36 0.26 -63.23 4.48
CA PRO A 36 1.40 -62.44 4.93
C PRO A 36 2.42 -63.36 5.61
N PRO A 37 3.71 -62.96 5.62
CA PRO A 37 4.82 -63.77 6.16
C PRO A 37 4.80 -64.07 7.69
N SER A 38 5.22 -65.28 8.05
CA SER A 38 5.22 -65.69 9.46
C SER A 38 6.55 -65.33 10.13
N ILE A 39 6.49 -64.94 11.41
CA ILE A 39 7.72 -64.63 12.13
C ILE A 39 7.86 -65.48 13.38
N HIS A 40 9.10 -65.85 13.68
CA HIS A 40 9.36 -66.54 14.93
C HIS A 40 10.48 -65.78 15.68
N PRO A 41 10.29 -65.53 16.98
CA PRO A 41 9.13 -65.93 17.78
C PRO A 41 7.84 -65.15 17.52
N GLY A 42 6.71 -65.78 17.83
CA GLY A 42 5.40 -65.16 17.64
C GLY A 42 5.02 -64.28 18.83
N LYS A 43 5.60 -63.08 18.85
CA LYS A 43 5.45 -62.12 19.93
C LYS A 43 5.39 -60.73 19.28
N SER A 44 4.86 -59.75 19.98
CA SER A 44 4.75 -58.39 19.44
C SER A 44 6.04 -57.59 19.65
N ASP A 45 6.51 -57.60 20.88
CA ASP A 45 7.72 -56.92 21.21
C ASP A 45 8.58 -57.97 21.85
N LEU A 46 9.88 -57.78 21.82
CA LEU A 46 10.75 -58.74 22.45
C LEU A 46 11.86 -58.02 23.17
N ILE A 47 11.94 -58.24 24.48
CA ILE A 47 12.95 -57.58 25.29
C ILE A 47 14.19 -58.43 25.15
N VAL A 48 15.37 -57.81 25.05
CA VAL A 48 16.60 -58.58 24.86
C VAL A 48 17.77 -57.98 25.64
N ARG A 49 18.46 -58.77 26.46
CA ARG A 49 19.60 -58.21 27.23
C ARG A 49 20.71 -57.67 26.33
N VAL A 50 21.25 -56.53 26.73
CA VAL A 50 22.32 -55.91 25.96
C VAL A 50 23.39 -56.98 25.83
N GLY A 51 24.08 -57.02 24.71
CA GLY A 51 25.19 -57.96 24.63
C GLY A 51 24.77 -59.36 24.33
N ASP A 52 23.44 -59.59 24.29
CA ASP A 52 22.92 -60.92 23.97
C ASP A 52 22.54 -60.87 22.51
N GLU A 53 22.40 -62.04 21.86
CA GLU A 53 22.03 -62.15 20.42
C GLU A 53 20.56 -61.95 20.07
N ILE A 54 20.29 -61.23 18.98
CA ILE A 54 18.92 -61.07 18.49
C ILE A 54 18.71 -62.04 17.34
N ARG A 55 17.87 -63.03 17.53
CA ARG A 55 17.68 -64.04 16.49
C ARG A 55 16.24 -64.03 16.03
N LEU A 56 16.00 -63.40 14.89
CA LEU A 56 14.67 -63.36 14.32
C LEU A 56 14.56 -64.25 13.12
N LEU A 57 13.43 -64.94 13.02
CA LEU A 57 13.17 -65.82 11.88
C LEU A 57 11.87 -65.56 11.14
N CYS A 58 11.99 -65.40 9.83
CA CYS A 58 10.84 -65.22 8.95
C CYS A 58 10.62 -66.37 7.99
N THR A 59 9.45 -66.98 8.03
CA THR A 59 9.10 -68.05 7.12
C THR A 59 8.05 -67.59 6.10
N ASP A 60 8.47 -67.56 4.84
CA ASP A 60 7.61 -67.23 3.72
C ASP A 60 8.28 -67.73 2.46
N PRO A 61 7.60 -68.59 1.70
CA PRO A 61 8.23 -69.12 0.50
C PRO A 61 8.60 -68.01 -0.49
N GLY A 62 7.92 -66.87 -0.42
CA GLY A 62 8.26 -65.74 -1.26
C GLY A 62 8.85 -64.54 -0.53
N PHE A 63 9.72 -64.82 0.46
CA PHE A 63 10.43 -63.81 1.26
C PHE A 63 11.25 -62.86 0.40
N VAL A 64 11.36 -61.59 0.79
CA VAL A 64 12.31 -60.70 0.13
C VAL A 64 13.33 -60.16 1.14
N LYS A 65 12.88 -59.36 2.10
CA LYS A 65 13.83 -58.68 2.99
C LYS A 65 13.27 -58.38 4.35
N TRP A 66 14.19 -58.08 5.29
CA TRP A 66 13.82 -57.71 6.65
C TRP A 66 14.28 -56.30 6.58
N THR A 67 13.47 -55.39 7.10
CA THR A 67 13.83 -53.98 7.19
C THR A 67 13.88 -53.70 8.65
N PHE A 68 14.93 -53.02 9.10
CA PHE A 68 14.99 -52.57 10.50
C PHE A 68 14.87 -51.07 10.50
N GLU A 69 14.30 -50.48 11.55
CA GLU A 69 14.15 -49.03 11.64
C GLU A 69 13.88 -48.55 13.05
N ILE A 70 14.95 -48.08 13.71
CA ILE A 70 14.83 -47.02 14.71
C ILE A 70 14.83 -45.69 13.99
N LEU A 71 15.14 -44.61 14.71
CA LEU A 71 14.51 -43.31 14.43
C LEU A 71 14.39 -42.97 12.93
N ASP A 72 15.49 -42.46 12.36
CA ASP A 72 15.53 -42.22 10.94
C ASP A 72 16.41 -43.27 10.34
N GLU A 73 17.06 -44.04 11.21
CA GLU A 73 17.90 -45.16 10.78
C GLU A 73 17.05 -46.13 9.95
N THR A 74 17.70 -46.74 8.97
CA THR A 74 17.09 -47.73 8.09
C THR A 74 18.18 -48.71 7.74
N ASN A 75 17.80 -49.96 7.53
CA ASN A 75 18.75 -50.99 7.25
C ASN A 75 18.00 -52.17 6.65
N GLU A 76 18.67 -52.87 5.72
CA GLU A 76 18.06 -54.03 5.06
C GLU A 76 18.93 -55.25 5.16
N ASN A 77 18.30 -56.41 5.13
CA ASN A 77 19.02 -57.68 5.16
C ASN A 77 18.23 -58.74 4.36
N LYS A 78 18.85 -59.30 3.33
CA LYS A 78 18.10 -60.17 2.45
C LYS A 78 18.11 -61.64 2.90
N GLN A 79 18.42 -61.88 4.18
CA GLN A 79 18.46 -63.24 4.71
C GLN A 79 17.22 -63.45 5.61
N ASN A 80 16.45 -64.52 5.37
CA ASN A 80 15.24 -64.79 6.17
C ASN A 80 15.44 -64.79 7.69
N GLU A 81 16.65 -65.10 8.14
CA GLU A 81 16.91 -65.09 9.56
C GLU A 81 17.79 -63.91 10.02
N TRP A 82 17.25 -63.08 10.89
CA TRP A 82 18.05 -61.93 11.25
C TRP A 82 18.81 -62.26 12.51
N ILE A 83 20.13 -62.18 12.43
CA ILE A 83 20.95 -62.46 13.58
C ILE A 83 21.94 -61.34 13.94
N THR A 84 21.79 -60.76 15.11
CA THR A 84 22.79 -59.80 15.52
C THR A 84 23.35 -60.42 16.77
N GLU A 85 24.65 -60.72 16.75
CA GLU A 85 25.27 -61.44 17.86
C GLU A 85 25.31 -60.70 19.20
N LYS A 86 25.90 -59.49 19.26
CA LYS A 86 25.99 -58.79 20.54
C LYS A 86 25.12 -57.54 20.54
N ALA A 87 23.82 -57.72 20.75
CA ALA A 87 22.89 -56.59 20.71
C ALA A 87 23.37 -55.35 21.44
N GLU A 88 23.15 -54.22 20.79
CA GLU A 88 23.47 -52.93 21.35
C GLU A 88 22.14 -52.25 21.64
N ALA A 89 22.20 -51.02 22.15
CA ALA A 89 21.02 -50.24 22.49
C ALA A 89 20.38 -49.75 21.20
N THR A 90 21.27 -49.33 20.30
CA THR A 90 20.91 -48.79 18.99
C THR A 90 20.13 -49.83 18.20
N ASN A 91 20.32 -51.11 18.53
CA ASN A 91 19.65 -52.17 17.84
C ASN A 91 18.16 -52.27 18.14
N THR A 92 17.64 -51.31 18.89
CA THR A 92 16.23 -51.31 19.31
C THR A 92 15.31 -50.78 18.26
N GLY A 93 14.24 -51.49 17.90
CA GLY A 93 13.24 -50.90 16.97
C GLY A 93 12.26 -51.80 16.23
N LYS A 94 11.92 -51.40 15.00
CA LYS A 94 10.98 -52.20 14.20
C LYS A 94 11.64 -53.10 13.14
N TYR A 95 11.36 -54.40 13.23
CA TYR A 95 11.84 -55.41 12.33
C TYR A 95 10.70 -55.92 11.43
N THR A 96 10.71 -55.52 10.16
CA THR A 96 9.59 -55.87 9.29
C THR A 96 9.98 -56.85 8.22
N CYS A 97 9.35 -58.02 8.27
CA CYS A 97 9.58 -59.05 7.26
C CYS A 97 8.63 -58.76 6.09
N THR A 98 9.15 -58.74 4.87
CA THR A 98 8.32 -58.48 3.66
C THR A 98 8.49 -59.49 2.50
N ASN A 99 7.37 -59.96 1.92
CA ASN A 99 7.39 -60.95 0.81
C ASN A 99 7.18 -60.37 -0.60
N LYS A 100 7.43 -61.19 -1.63
CA LYS A 100 7.33 -60.75 -3.03
C LYS A 100 5.93 -60.32 -3.41
N HIS A 101 4.93 -60.89 -2.76
CA HIS A 101 3.53 -60.61 -3.05
C HIS A 101 3.07 -59.30 -2.42
N GLY A 102 4.03 -58.45 -2.09
CA GLY A 102 3.77 -57.17 -1.44
C GLY A 102 3.35 -57.20 0.02
N LEU A 103 3.24 -58.39 0.62
CA LEU A 103 2.72 -58.54 1.99
C LEU A 103 3.79 -58.65 3.07
N SER A 104 3.52 -58.08 4.26
CA SER A 104 4.52 -58.14 5.36
C SER A 104 3.97 -58.30 6.80
N ASN A 105 4.91 -58.21 7.75
CA ASN A 105 4.64 -58.34 9.20
C ASN A 105 5.87 -57.85 9.97
N SER A 106 5.67 -57.42 11.20
CA SER A 106 6.76 -56.85 12.00
C SER A 106 6.77 -57.29 13.44
N ILE A 107 7.90 -57.10 14.10
CA ILE A 107 8.06 -57.37 15.52
C ILE A 107 9.00 -56.28 16.06
N TYR A 108 8.79 -55.84 17.29
CA TYR A 108 9.64 -54.78 17.87
C TYR A 108 10.68 -55.26 18.86
N VAL A 109 11.90 -54.78 18.73
CA VAL A 109 12.90 -55.30 19.66
C VAL A 109 13.49 -54.24 20.60
N PHE A 110 13.18 -54.40 21.88
CA PHE A 110 13.73 -53.54 22.93
C PHE A 110 14.99 -54.20 23.49
N VAL A 111 16.13 -53.50 23.44
CA VAL A 111 17.35 -54.07 23.96
C VAL A 111 17.68 -53.32 25.24
N ARG A 112 17.19 -53.83 26.37
CA ARG A 112 17.37 -53.12 27.64
C ARG A 112 18.80 -53.04 28.12
N ASP A 113 19.21 -51.80 28.36
CA ASP A 113 20.52 -51.43 28.87
C ASP A 113 20.25 -50.63 30.13
N PRO A 114 20.84 -51.05 31.26
CA PRO A 114 20.68 -50.32 32.50
C PRO A 114 21.12 -48.87 32.30
N ALA A 115 22.13 -48.68 31.47
CA ALA A 115 22.65 -47.36 31.17
C ALA A 115 21.69 -46.53 30.28
N LYS A 116 21.48 -46.99 29.04
CA LYS A 116 20.72 -46.19 28.08
C LYS A 116 19.24 -46.57 28.08
N LEU A 117 18.40 -45.71 28.61
CA LEU A 117 16.98 -46.01 28.55
C LEU A 117 16.36 -45.18 27.45
N PHE A 118 17.21 -44.44 26.74
CA PHE A 118 16.72 -43.59 25.67
C PHE A 118 17.67 -43.46 24.52
N LEU A 119 17.17 -43.73 23.31
CA LEU A 119 17.91 -43.30 22.15
C LEU A 119 17.00 -42.24 21.57
N VAL A 120 17.68 -41.21 21.07
CA VAL A 120 17.06 -39.93 20.79
C VAL A 120 17.45 -39.23 19.51
N ASP A 121 16.58 -38.31 19.08
CA ASP A 121 16.97 -37.39 18.02
C ASP A 121 16.64 -36.00 18.58
N ARG A 122 17.67 -35.39 19.19
CA ARG A 122 17.55 -34.10 19.86
C ARG A 122 16.90 -33.03 18.99
N SER A 123 17.00 -33.19 17.69
CA SER A 123 16.44 -32.24 16.76
C SER A 123 14.92 -32.17 16.88
N LEU A 124 14.45 -31.18 17.63
CA LEU A 124 13.04 -31.00 17.89
C LEU A 124 12.51 -29.72 17.24
N TYR A 125 11.55 -29.89 16.33
CA TYR A 125 10.88 -28.76 15.68
C TYR A 125 9.40 -29.09 15.49
N GLY A 126 8.55 -28.14 15.85
CA GLY A 126 7.10 -28.29 15.64
C GLY A 126 6.48 -27.10 14.92
N LYS A 127 5.28 -27.30 14.38
CA LYS A 127 4.60 -26.20 13.70
C LYS A 127 3.39 -25.81 14.52
N GLU A 128 3.29 -24.54 14.89
CA GLU A 128 2.13 -24.06 15.62
C GLU A 128 0.82 -24.71 15.11
N ASP A 129 -0.02 -25.17 16.05
CA ASP A 129 -1.33 -25.80 15.75
C ASP A 129 -1.33 -27.25 15.25
N ASN A 130 -0.14 -27.82 15.06
CA ASN A 130 -0.01 -29.23 14.67
C ASN A 130 0.69 -29.91 15.80
N ASP A 131 0.65 -31.23 15.80
CA ASP A 131 1.34 -31.97 16.83
C ASP A 131 2.83 -31.98 16.58
N THR A 132 3.56 -32.55 17.52
CA THR A 132 5.00 -32.65 17.47
C THR A 132 5.39 -33.91 18.20
N LEU A 133 6.45 -34.56 17.76
CA LEU A 133 6.85 -35.75 18.46
C LEU A 133 8.21 -35.52 19.05
N VAL A 134 8.31 -35.62 20.36
CA VAL A 134 9.64 -35.58 20.92
C VAL A 134 10.16 -36.99 20.68
N ARG A 135 11.39 -37.08 20.18
CA ARG A 135 12.01 -38.34 19.87
C ARG A 135 12.87 -38.94 20.97
N CYS A 136 12.24 -39.58 21.95
CA CYS A 136 12.99 -40.29 23.01
C CYS A 136 12.37 -41.64 23.25
N PRO A 137 12.40 -42.53 22.23
CA PRO A 137 11.82 -43.85 22.42
C PRO A 137 12.68 -44.56 23.46
N LEU A 138 12.04 -45.42 24.23
CA LEU A 138 12.78 -46.06 25.29
C LEU A 138 13.14 -47.46 24.88
N THR A 139 14.24 -47.92 25.44
CA THR A 139 14.78 -49.20 25.13
C THR A 139 14.32 -50.26 26.13
N ASP A 140 13.47 -49.84 27.07
CA ASP A 140 12.90 -50.73 28.08
C ASP A 140 11.46 -50.37 28.42
N PRO A 141 10.49 -51.19 27.98
CA PRO A 141 9.06 -50.98 28.20
C PRO A 141 8.50 -51.44 29.55
N GLU A 142 9.34 -52.11 30.36
CA GLU A 142 8.89 -52.58 31.67
C GLU A 142 9.10 -51.40 32.61
N VAL A 143 8.29 -50.37 32.39
CA VAL A 143 8.31 -49.15 33.21
C VAL A 143 6.85 -48.72 33.41
N THR A 144 6.60 -47.98 34.51
CA THR A 144 5.23 -47.77 34.98
C THR A 144 4.44 -46.54 34.53
N ASN A 145 5.05 -45.36 34.51
CA ASN A 145 4.31 -44.20 34.04
C ASN A 145 5.06 -43.44 32.97
N TYR A 146 4.55 -43.50 31.74
CA TYR A 146 5.16 -42.81 30.61
C TYR A 146 4.47 -41.44 30.50
N SER A 147 5.16 -40.41 31.01
CA SER A 147 4.62 -39.05 31.14
C SER A 147 5.65 -38.06 30.62
N LEU A 148 5.26 -36.79 30.54
CA LEU A 148 6.18 -35.74 30.12
C LEU A 148 6.59 -34.86 31.30
N LYS A 149 7.88 -34.43 31.37
CA LYS A 149 8.23 -33.54 32.48
C LYS A 149 9.12 -32.30 32.22
N GLY A 150 9.57 -31.68 33.34
CA GLY A 150 10.32 -30.41 33.38
C GLY A 150 11.62 -30.34 32.59
N CYS A 151 12.46 -29.34 32.90
CA CYS A 151 13.65 -29.07 32.08
C CYS A 151 15.01 -28.85 32.73
N GLN A 152 15.10 -27.89 33.64
CA GLN A 152 16.37 -27.56 34.29
C GLN A 152 16.04 -27.21 35.71
N GLY A 153 14.96 -27.81 36.18
CA GLY A 153 14.38 -27.51 37.45
C GLY A 153 12.90 -27.43 37.21
N LYS A 154 12.47 -26.31 36.59
CA LYS A 154 11.04 -25.99 36.39
C LYS A 154 10.17 -27.09 35.74
N PRO A 155 8.85 -27.06 36.04
CA PRO A 155 7.85 -27.97 35.51
C PRO A 155 7.31 -27.45 34.17
N LEU A 156 5.99 -27.78 33.98
CA LEU A 156 5.40 -27.53 32.68
C LEU A 156 4.35 -26.43 32.71
N PRO A 157 3.94 -25.97 31.53
CA PRO A 157 2.80 -25.08 31.39
C PRO A 157 1.56 -25.96 31.42
N LYS A 158 0.45 -25.34 31.80
CA LYS A 158 -0.84 -26.02 31.84
C LYS A 158 -1.32 -26.04 30.41
N ASP A 159 -2.59 -26.43 30.22
CA ASP A 159 -3.25 -26.50 28.91
C ASP A 159 -2.52 -27.41 27.90
N LEU A 160 -1.29 -27.78 28.23
CA LEU A 160 -0.41 -28.61 27.41
C LEU A 160 -0.77 -30.09 27.51
N ARG A 161 -1.02 -30.72 26.34
CA ARG A 161 -1.32 -32.14 26.32
C ARG A 161 -0.12 -32.93 25.78
N PHE A 162 -0.10 -34.23 26.04
CA PHE A 162 0.94 -35.16 25.55
C PHE A 162 0.42 -36.61 25.63
N ILE A 163 0.43 -37.32 24.50
CA ILE A 163 0.00 -38.71 24.47
C ILE A 163 1.24 -39.55 24.14
N PRO A 164 2.03 -39.98 25.17
CA PRO A 164 3.32 -40.67 24.98
C PRO A 164 3.25 -42.13 24.43
N ASP A 165 4.32 -42.56 23.77
CA ASP A 165 4.41 -43.89 23.13
C ASP A 165 5.85 -44.38 23.20
N PRO A 166 6.06 -45.55 23.82
CA PRO A 166 7.39 -46.12 24.03
C PRO A 166 8.11 -46.40 22.72
N LYS A 167 7.32 -46.74 21.69
CA LYS A 167 7.83 -47.00 20.34
C LYS A 167 8.21 -45.76 19.52
N ALA A 168 7.43 -44.69 19.64
CA ALA A 168 7.69 -43.47 18.92
C ALA A 168 8.45 -42.53 19.86
N GLY A 169 7.75 -42.01 20.86
CA GLY A 169 8.34 -41.06 21.82
C GLY A 169 7.22 -40.42 22.61
N ILE A 170 7.29 -39.11 22.83
CA ILE A 170 6.16 -38.42 23.43
C ILE A 170 5.69 -37.33 22.51
N MET A 171 4.41 -37.38 22.17
CA MET A 171 3.86 -36.39 21.28
C MET A 171 3.13 -35.31 22.00
N ILE A 172 3.75 -34.13 22.02
CA ILE A 172 3.14 -32.95 22.55
C ILE A 172 2.01 -32.58 21.61
N LYS A 173 0.84 -32.32 22.17
CA LYS A 173 -0.37 -32.14 21.37
C LYS A 173 -0.77 -30.67 21.19
N SER A 174 -0.96 -30.30 19.91
CA SER A 174 -1.41 -28.98 19.47
C SER A 174 -0.55 -27.82 19.95
N VAL A 175 0.74 -27.91 19.62
CA VAL A 175 1.74 -26.96 20.05
C VAL A 175 1.29 -25.51 19.93
N LYS A 176 1.76 -24.67 20.83
CA LYS A 176 1.40 -23.28 20.85
C LYS A 176 2.68 -22.48 20.63
N ARG A 177 2.54 -21.32 20.00
CA ARG A 177 3.67 -20.47 19.70
C ARG A 177 4.41 -20.26 21.01
N ALA A 178 3.62 -20.10 22.06
CA ALA A 178 4.15 -19.90 23.41
C ALA A 178 5.25 -20.89 23.82
N TYR A 179 5.24 -22.10 23.27
CA TYR A 179 6.22 -23.11 23.68
C TYR A 179 7.58 -22.93 23.04
N HIS A 180 7.77 -21.86 22.27
CA HIS A 180 9.07 -21.66 21.63
C HIS A 180 10.24 -21.59 22.60
N ARG A 181 11.40 -22.00 22.11
CA ARG A 181 12.63 -22.04 22.89
C ARG A 181 12.43 -22.66 24.27
N LEU A 182 11.39 -23.48 24.39
CA LEU A 182 11.14 -24.20 25.62
C LEU A 182 12.13 -25.36 25.75
N CYS A 183 12.41 -25.75 26.98
CA CYS A 183 13.24 -26.92 27.20
C CYS A 183 12.47 -27.92 28.06
N LEU A 184 12.71 -29.22 27.84
CA LEU A 184 11.98 -30.30 28.51
C LEU A 184 12.71 -31.65 28.54
N HIS A 185 12.21 -32.56 29.38
CA HIS A 185 12.76 -33.91 29.54
C HIS A 185 11.70 -35.02 29.43
N CYS A 186 12.18 -36.19 29.04
CA CYS A 186 11.33 -37.33 28.81
C CYS A 186 11.02 -38.05 30.16
N SER A 187 9.73 -38.20 30.49
CA SER A 187 9.34 -38.78 31.78
C SER A 187 8.78 -40.24 31.77
N VAL A 188 9.21 -40.99 32.79
CA VAL A 188 8.78 -42.38 32.98
C VAL A 188 9.31 -42.92 34.32
N ASP A 189 8.59 -43.87 34.91
CA ASP A 189 8.98 -44.34 36.25
C ASP A 189 9.87 -45.60 36.23
N SER A 194 12.98 -41.94 39.09
CA SER A 194 12.45 -41.88 37.73
C SER A 194 13.59 -41.61 36.72
N VAL A 195 13.29 -41.91 35.45
CA VAL A 195 14.25 -41.79 34.36
C VAL A 195 14.97 -40.45 34.04
N LEU A 196 16.29 -40.55 33.82
CA LEU A 196 17.11 -39.41 33.38
C LEU A 196 17.15 -39.35 31.84
N SER A 197 16.61 -38.29 31.24
CA SER A 197 16.62 -38.16 29.77
C SER A 197 17.82 -37.29 29.34
N GLU A 198 17.82 -36.84 28.08
CA GLU A 198 18.88 -35.94 27.58
C GLU A 198 18.25 -34.58 27.26
N LYS A 199 19.09 -33.57 26.94
CA LYS A 199 18.63 -32.18 26.79
C LYS A 199 18.01 -31.82 25.43
N PHE A 200 16.77 -31.35 25.47
CA PHE A 200 16.05 -30.94 24.26
C PHE A 200 15.62 -29.46 24.21
N ILE A 201 15.82 -28.80 23.08
CA ILE A 201 15.38 -27.39 22.93
C ILE A 201 14.31 -27.30 21.83
N LEU A 202 13.07 -27.16 22.27
CA LEU A 202 11.89 -27.00 21.36
C LEU A 202 11.95 -25.77 20.45
N LYS A 203 11.56 -25.95 19.19
CA LYS A 203 11.50 -24.81 18.31
C LYS A 203 10.15 -24.83 17.55
N VAL A 204 9.32 -23.80 17.76
CA VAL A 204 8.02 -23.71 17.12
C VAL A 204 8.03 -22.82 15.89
N ARG A 205 7.63 -23.35 14.73
CA ARG A 205 7.51 -22.48 13.58
C ARG A 205 6.08 -22.00 13.67
N PRO A 206 5.81 -20.75 13.29
CA PRO A 206 4.47 -20.20 13.40
C PRO A 206 3.53 -20.42 12.20
N ALA A 207 2.25 -20.35 12.50
CA ALA A 207 1.23 -20.40 11.50
C ALA A 207 0.83 -18.95 11.21
N PHE A 208 0.64 -18.61 9.94
CA PHE A 208 0.12 -17.32 9.58
C PHE A 208 -1.35 -17.18 10.00
N LYS A 209 -1.61 -16.23 10.89
CA LYS A 209 -2.98 -16.01 11.33
C LYS A 209 -3.38 -14.57 11.02
N ALA A 210 -2.72 -13.98 10.03
CA ALA A 210 -3.02 -12.61 9.65
C ALA A 210 -2.31 -12.28 8.36
N VAL A 211 -3.00 -11.59 7.48
CA VAL A 211 -2.43 -11.12 6.25
C VAL A 211 -1.13 -10.38 6.57
N PRO A 212 -0.22 -10.28 5.62
CA PRO A 212 0.99 -9.52 5.92
C PRO A 212 0.73 -8.03 6.05
N VAL A 213 1.49 -7.35 6.90
CA VAL A 213 1.32 -5.91 7.06
C VAL A 213 2.31 -5.22 6.13
N VAL A 214 1.80 -4.64 5.04
CA VAL A 214 2.74 -4.02 4.09
C VAL A 214 2.61 -2.49 4.00
N SER A 215 3.75 -1.81 3.90
CA SER A 215 3.76 -0.37 3.78
C SER A 215 4.82 0.08 2.74
N VAL A 216 4.68 1.33 2.32
CA VAL A 216 5.52 1.98 1.32
C VAL A 216 6.13 3.21 2.01
N SER A 217 7.25 3.75 1.53
CA SER A 217 7.88 4.88 2.23
C SER A 217 7.10 6.12 1.92
N LYS A 218 6.62 6.23 0.67
CA LYS A 218 5.76 7.34 0.27
C LYS A 218 4.81 6.97 -0.86
N ALA A 219 3.51 7.14 -0.61
CA ALA A 219 2.46 6.71 -1.54
C ALA A 219 2.43 7.38 -2.91
N SER A 220 3.22 8.44 -3.11
CA SER A 220 3.15 9.16 -4.39
C SER A 220 4.35 10.06 -4.76
N TYR A 221 4.65 10.10 -6.05
CA TYR A 221 5.84 10.80 -6.51
C TYR A 221 5.56 11.70 -7.72
N LEU A 222 5.96 12.97 -7.59
CA LEU A 222 5.78 13.92 -8.68
C LEU A 222 7.19 14.19 -9.15
N LEU A 223 7.52 13.67 -10.32
CA LEU A 223 8.90 13.72 -10.73
C LEU A 223 9.26 14.56 -11.95
N ARG A 224 10.57 14.76 -12.12
CA ARG A 224 11.14 15.62 -13.11
C ARG A 224 12.14 14.84 -13.97
N GLU A 225 11.78 14.62 -15.25
CA GLU A 225 12.63 13.86 -16.16
C GLU A 225 14.13 14.14 -15.93
N GLY A 226 14.82 13.17 -15.35
CA GLY A 226 16.24 13.33 -15.07
C GLY A 226 16.68 12.98 -13.66
N GLU A 227 15.75 13.01 -12.70
CA GLU A 227 16.12 12.74 -11.31
C GLU A 227 15.97 11.24 -10.96
N GLU A 228 16.39 10.88 -9.75
CA GLU A 228 16.41 9.50 -9.28
C GLU A 228 15.13 9.06 -8.58
N PHE A 229 14.50 8.02 -9.11
CA PHE A 229 13.29 7.50 -8.50
C PHE A 229 13.66 6.42 -7.50
N THR A 230 13.17 6.55 -6.28
CA THR A 230 13.51 5.63 -5.20
C THR A 230 12.29 5.39 -4.32
N VAL A 231 12.23 4.23 -3.70
CA VAL A 231 11.12 3.88 -2.84
C VAL A 231 11.49 2.60 -2.09
N THR A 232 10.99 2.44 -0.88
CA THR A 232 11.24 1.23 -0.13
C THR A 232 9.94 0.63 0.37
N CYS A 233 9.62 -0.57 -0.12
CA CYS A 233 8.45 -1.27 0.36
C CYS A 233 8.88 -1.96 1.63
N THR A 234 8.06 -1.82 2.66
CA THR A 234 8.34 -2.45 3.93
C THR A 234 7.28 -3.51 4.22
N ILE A 235 7.74 -4.73 4.47
CA ILE A 235 6.86 -5.86 4.79
C ILE A 235 7.21 -6.49 6.13
N LYS A 236 6.25 -6.50 7.05
CA LYS A 236 6.48 -7.06 8.38
C LYS A 236 5.62 -8.30 8.52
N ASP A 237 6.23 -9.41 8.92
CA ASP A 237 5.46 -10.61 9.11
C ASP A 237 6.07 -11.58 10.12
N VAL A 238 5.42 -12.73 10.33
CA VAL A 238 5.82 -13.60 11.43
C VAL A 238 6.82 -14.64 11.01
N SER A 239 7.10 -14.72 9.72
CA SER A 239 8.05 -15.70 9.20
C SER A 239 8.77 -15.30 7.92
N SER A 240 10.05 -15.63 7.85
CA SER A 240 10.86 -15.35 6.65
C SER A 240 10.19 -15.86 5.34
N SER A 241 9.14 -16.68 5.49
CA SER A 241 8.44 -17.24 4.31
C SER A 241 7.48 -16.30 3.58
N VAL A 242 7.30 -15.09 4.07
CA VAL A 242 6.37 -14.20 3.38
C VAL A 242 6.78 -13.96 1.97
N TYR A 243 5.80 -13.94 1.07
CA TYR A 243 6.09 -13.66 -0.33
C TYR A 243 5.82 -12.20 -0.59
N SER A 244 6.81 -11.51 -1.17
CA SER A 244 6.65 -10.09 -1.51
C SER A 244 7.27 -9.84 -2.85
N THR A 245 6.75 -8.83 -3.53
CA THR A 245 7.22 -8.50 -4.86
C THR A 245 6.76 -7.11 -5.24
N TRP A 246 7.49 -6.47 -6.14
CA TRP A 246 7.08 -5.19 -6.64
C TRP A 246 6.43 -5.48 -7.98
N LYS A 247 5.50 -4.65 -8.43
CA LYS A 247 4.91 -4.92 -9.74
C LYS A 247 4.69 -3.69 -10.61
N ARG A 248 5.72 -3.32 -11.40
CA ARG A 248 5.57 -2.26 -12.40
C ARG A 248 4.30 -2.81 -13.05
N GLU A 249 3.23 -2.04 -13.01
CA GLU A 249 1.91 -2.63 -13.26
C GLU A 249 1.58 -3.15 -14.62
N ASN A 250 2.02 -2.48 -15.69
CA ASN A 250 1.88 -3.08 -16.99
C ASN A 250 3.15 -3.66 -17.56
N SER A 251 3.75 -4.29 -16.58
CA SER A 251 4.49 -5.49 -16.76
C SER A 251 5.54 -5.67 -17.82
N GLN A 252 6.75 -5.17 -17.58
CA GLN A 252 7.82 -5.39 -18.55
C GLN A 252 9.05 -5.96 -17.89
N THR A 253 9.52 -5.25 -16.86
CA THR A 253 10.84 -5.48 -16.31
C THR A 253 11.00 -6.53 -15.20
N LYS A 254 10.28 -6.30 -14.10
CA LYS A 254 10.55 -6.95 -12.82
C LYS A 254 11.85 -6.24 -12.45
N LEU A 255 12.14 -5.13 -13.14
CA LEU A 255 13.36 -4.36 -12.91
C LEU A 255 13.72 -4.40 -11.45
N GLN A 256 14.79 -5.17 -11.19
CA GLN A 256 15.29 -5.50 -9.87
C GLN A 256 15.05 -4.57 -8.70
N GLU A 257 14.72 -5.22 -7.60
CA GLU A 257 14.55 -4.61 -6.31
C GLU A 257 15.86 -4.86 -5.56
N LYS A 258 16.14 -4.04 -4.56
CA LYS A 258 17.29 -4.24 -3.69
C LYS A 258 16.75 -4.71 -2.33
N TYR A 259 16.80 -6.01 -2.11
CA TYR A 259 16.26 -6.61 -0.89
C TYR A 259 17.22 -6.41 0.30
N ASN A 260 16.65 -6.50 1.50
CA ASN A 260 17.37 -6.56 2.77
C ASN A 260 16.30 -6.92 3.81
N SER A 261 16.69 -7.63 4.87
CA SER A 261 15.69 -8.05 5.83
C SER A 261 16.24 -8.22 7.24
N TRP A 262 15.38 -8.04 8.24
CA TRP A 262 15.74 -8.19 9.63
C TRP A 262 14.82 -9.18 10.32
N HIS A 263 15.25 -9.62 11.49
CA HIS A 263 14.49 -10.55 12.32
C HIS A 263 14.51 -9.93 13.70
N HIS A 264 13.39 -9.35 14.11
CA HIS A 264 13.36 -8.72 15.44
C HIS A 264 12.84 -9.70 16.46
N GLY A 265 13.56 -10.80 16.60
CA GLY A 265 13.15 -11.77 17.61
C GLY A 265 12.82 -13.12 17.03
N ASP A 266 11.72 -13.70 17.50
CA ASP A 266 11.37 -15.05 17.10
C ASP A 266 10.38 -15.03 15.95
N PHE A 267 9.22 -14.42 16.19
CA PHE A 267 8.14 -14.38 15.21
C PHE A 267 7.97 -13.03 14.56
N ASN A 268 9.03 -12.24 14.56
CA ASN A 268 8.94 -10.96 13.93
C ASN A 268 10.01 -10.75 12.89
N TYR A 269 9.56 -10.63 11.66
CA TYR A 269 10.45 -10.44 10.54
C TYR A 269 9.96 -9.30 9.68
N GLU A 270 10.92 -8.58 9.11
CA GLU A 270 10.57 -7.49 8.24
C GLU A 270 11.61 -7.50 7.17
N ARG A 271 11.20 -7.09 5.98
CA ARG A 271 12.07 -7.10 4.84
C ARG A 271 11.77 -5.83 4.08
N GLN A 272 12.81 -5.23 3.52
CA GLN A 272 12.63 -4.02 2.76
C GLN A 272 13.17 -4.29 1.37
N ALA A 273 12.38 -3.93 0.38
CA ALA A 273 12.76 -4.13 -0.99
C ALA A 273 12.68 -2.79 -1.69
N THR A 274 13.80 -2.06 -1.77
CA THR A 274 13.76 -0.72 -2.37
C THR A 274 13.86 -0.79 -3.88
N LEU A 275 13.00 -0.05 -4.53
CA LEU A 275 12.92 -0.02 -5.97
C LEU A 275 13.60 1.27 -6.37
N THR A 276 14.36 1.26 -7.47
CA THR A 276 14.97 2.51 -7.92
C THR A 276 15.20 2.60 -9.42
N ILE A 277 15.15 3.83 -9.91
CA ILE A 277 15.41 4.14 -11.28
C ILE A 277 16.38 5.31 -11.26
N SER A 278 17.60 5.05 -11.66
CA SER A 278 18.65 6.05 -11.68
C SER A 278 18.25 7.32 -12.45
N SER A 279 17.77 7.15 -13.69
CA SER A 279 17.39 8.29 -14.53
C SER A 279 15.92 8.26 -14.91
N ALA A 280 15.12 8.97 -14.12
CA ALA A 280 13.66 9.01 -14.31
C ALA A 280 13.24 9.60 -15.66
N ARG A 281 12.58 8.80 -16.48
CA ARG A 281 12.13 9.27 -17.79
C ARG A 281 10.62 9.25 -17.87
N VAL A 282 10.05 10.25 -18.54
CA VAL A 282 8.60 10.34 -18.72
C VAL A 282 7.89 9.00 -18.88
N ASN A 283 8.35 8.21 -19.84
CA ASN A 283 7.76 6.92 -20.14
C ASN A 283 7.60 6.06 -18.89
N ASP A 284 8.54 6.17 -17.96
CA ASP A 284 8.52 5.36 -16.74
C ASP A 284 7.14 5.29 -16.06
N SER A 285 6.72 6.44 -15.56
CA SER A 285 5.44 6.65 -14.87
C SER A 285 4.33 5.59 -14.96
N GLY A 286 3.78 5.24 -13.79
CA GLY A 286 2.67 4.30 -13.69
C GLY A 286 2.51 3.93 -12.23
N VAL A 287 1.67 2.94 -11.92
CA VAL A 287 1.50 2.53 -10.53
C VAL A 287 2.38 1.34 -10.16
N PHE A 288 3.19 1.49 -9.13
CA PHE A 288 4.04 0.40 -8.66
C PHE A 288 3.34 -0.20 -7.45
N MET A 289 3.01 -1.48 -7.49
CA MET A 289 2.30 -2.06 -6.37
C MET A 289 3.16 -3.01 -5.55
N CYS A 290 3.05 -2.87 -4.24
CA CYS A 290 3.80 -3.76 -3.39
C CYS A 290 2.88 -4.89 -2.91
N TYR A 291 3.09 -6.10 -3.42
CA TYR A 291 2.24 -7.26 -3.09
C TYR A 291 2.87 -8.14 -2.01
N ALA A 292 2.07 -8.59 -1.07
CA ALA A 292 2.59 -9.47 -0.05
C ALA A 292 1.60 -10.62 0.06
N ASN A 293 2.11 -11.79 0.41
CA ASN A 293 1.27 -12.97 0.43
C ASN A 293 1.82 -14.02 1.41
N ASN A 294 0.91 -14.69 2.13
CA ASN A 294 1.29 -15.80 2.99
C ASN A 294 0.13 -16.76 3.01
N THR A 295 0.33 -17.93 3.58
CA THR A 295 -0.71 -18.93 3.43
C THR A 295 -2.03 -18.48 4.02
N PHE A 296 -1.97 -17.57 4.98
CA PHE A 296 -3.19 -16.98 5.53
C PHE A 296 -3.92 -16.12 4.50
N GLY A 297 -3.26 -15.12 3.94
CA GLY A 297 -3.89 -14.30 2.91
C GLY A 297 -2.88 -13.29 2.35
N SER A 298 -3.33 -12.37 1.50
CA SER A 298 -2.41 -11.43 0.86
C SER A 298 -2.78 -9.98 1.10
N ALA A 299 -1.82 -9.09 0.84
CA ALA A 299 -2.01 -7.65 1.05
C ALA A 299 -1.14 -6.85 0.08
N ASN A 300 -1.67 -5.72 -0.41
CA ASN A 300 -0.96 -4.88 -1.37
C ASN A 300 -1.10 -3.41 -1.04
N VAL A 301 -0.06 -2.64 -1.34
CA VAL A 301 -0.07 -1.20 -1.11
C VAL A 301 0.48 -0.57 -2.37
N THR A 302 -0.18 0.48 -2.85
CA THR A 302 0.18 1.04 -4.13
C THR A 302 0.84 2.40 -4.03
N THR A 303 1.75 2.68 -4.97
CA THR A 303 2.40 3.99 -5.05
C THR A 303 2.42 4.46 -6.50
N THR A 304 1.81 5.60 -6.79
CA THR A 304 1.80 6.10 -8.18
C THR A 304 2.90 7.12 -8.42
N LEU A 305 3.45 7.11 -9.63
CA LEU A 305 4.55 7.97 -9.99
C LEU A 305 4.28 8.57 -11.36
N GLU A 306 4.35 9.91 -11.43
CA GLU A 306 4.24 10.64 -12.69
C GLU A 306 5.48 11.55 -12.85
N VAL A 307 6.17 11.36 -13.97
CA VAL A 307 7.40 12.09 -14.31
C VAL A 307 7.12 13.10 -15.40
N VAL A 308 7.39 14.36 -15.11
CA VAL A 308 7.17 15.42 -16.08
C VAL A 308 8.51 16.03 -16.49
N ASP A 309 8.61 16.43 -17.77
CA ASP A 309 9.85 17.02 -18.29
C ASP A 309 9.91 18.55 -18.25
N LYS A 310 8.79 19.18 -17.96
CA LYS A 310 8.74 20.64 -17.89
C LYS A 310 8.01 21.10 -16.64
N GLY A 311 8.61 22.03 -15.91
CA GLY A 311 7.92 22.63 -14.80
C GLY A 311 6.64 23.12 -15.43
N PHE A 312 5.51 22.95 -14.75
CA PHE A 312 4.24 23.39 -15.31
C PHE A 312 3.32 24.11 -14.31
N ILE A 313 2.30 24.76 -14.87
CA ILE A 313 1.25 25.45 -14.11
C ILE A 313 0.02 25.59 -15.00
N ASN A 314 -1.17 25.31 -14.48
CA ASN A 314 -2.42 25.63 -15.20
C ASN A 314 -3.45 26.16 -14.22
N ILE A 315 -4.21 27.17 -14.67
CA ILE A 315 -5.18 27.88 -13.84
C ILE A 315 -6.60 27.32 -13.90
N PHE A 316 -7.46 27.79 -12.98
CA PHE A 316 -8.86 27.42 -12.90
C PHE A 316 -9.67 28.47 -12.18
N PRO A 317 -10.28 29.39 -12.95
CA PRO A 317 -11.21 30.39 -12.42
C PRO A 317 -12.38 29.65 -11.83
N MET A 318 -12.94 30.17 -10.74
CA MET A 318 -14.07 29.53 -10.11
C MET A 318 -15.37 30.31 -10.28
N ILE A 319 -15.40 31.23 -11.22
CA ILE A 319 -16.56 32.06 -11.52
C ILE A 319 -16.38 32.54 -12.95
N ASN A 320 -17.41 33.07 -13.61
CA ASN A 320 -17.18 33.57 -14.97
C ASN A 320 -16.00 34.52 -14.83
N THR A 321 -15.13 34.57 -15.83
CA THR A 321 -14.05 35.54 -15.79
C THR A 321 -14.64 36.92 -16.00
N THR A 322 -15.83 36.96 -16.58
CA THR A 322 -16.53 38.23 -16.77
C THR A 322 -17.49 38.40 -15.59
N VAL A 323 -17.47 39.58 -14.97
CA VAL A 323 -18.27 39.79 -13.77
C VAL A 323 -18.99 41.13 -13.74
N PHE A 324 -20.22 41.13 -13.24
CA PHE A 324 -20.91 42.40 -13.07
C PHE A 324 -21.26 42.65 -11.61
N VAL A 325 -21.04 43.88 -11.18
CA VAL A 325 -21.31 44.24 -9.81
C VAL A 325 -22.18 45.49 -9.78
N ASN A 326 -23.10 45.53 -8.83
CA ASN A 326 -23.94 46.71 -8.66
C ASN A 326 -23.16 47.75 -7.89
N ASP A 327 -23.61 49.01 -7.97
CA ASP A 327 -22.80 50.06 -7.41
C ASP A 327 -22.07 49.74 -6.12
N GLY A 328 -22.80 49.67 -5.01
CA GLY A 328 -22.13 49.52 -3.72
C GLY A 328 -21.68 48.15 -3.25
N GLU A 329 -21.86 47.11 -4.07
CA GLU A 329 -21.65 45.74 -3.58
C GLU A 329 -20.20 45.22 -3.53
N ASN A 330 -20.09 43.90 -3.41
CA ASN A 330 -18.80 43.26 -3.27
C ASN A 330 -18.65 42.07 -4.20
N VAL A 331 -17.40 41.73 -4.49
CA VAL A 331 -17.10 40.52 -5.22
C VAL A 331 -15.82 39.88 -4.77
N ASP A 332 -15.78 38.57 -4.98
CA ASP A 332 -14.65 37.76 -4.66
C ASP A 332 -14.17 37.08 -5.95
N LEU A 333 -13.03 37.49 -6.45
CA LEU A 333 -12.48 36.80 -7.60
C LEU A 333 -11.71 35.62 -7.03
N ILE A 334 -12.17 34.40 -7.30
CA ILE A 334 -11.53 33.18 -6.80
C ILE A 334 -10.86 32.47 -7.96
N VAL A 335 -9.78 31.73 -7.72
CA VAL A 335 -9.14 30.93 -8.78
C VAL A 335 -8.23 29.88 -8.20
N GLU A 336 -8.46 28.64 -8.55
CA GLU A 336 -7.58 27.59 -8.05
C GLU A 336 -6.61 27.32 -9.13
N TYR A 337 -5.61 26.50 -8.86
CA TYR A 337 -4.67 26.19 -9.89
C TYR A 337 -3.61 25.19 -9.46
N GLU A 338 -3.03 24.55 -10.46
CA GLU A 338 -2.11 23.45 -10.30
C GLU A 338 -0.68 23.85 -10.67
N ALA A 339 0.26 23.78 -9.73
CA ALA A 339 1.63 24.15 -10.04
C ALA A 339 2.70 23.20 -9.55
N PHE A 340 3.66 22.91 -10.43
CA PHE A 340 4.83 22.13 -10.06
C PHE A 340 6.06 22.51 -10.89
N PRO A 341 7.16 22.90 -10.21
CA PRO A 341 7.40 23.09 -8.76
C PRO A 341 6.48 24.06 -8.06
N LYS A 342 6.68 24.18 -6.75
CA LYS A 342 5.90 25.08 -5.92
C LYS A 342 6.17 26.51 -6.35
N PRO A 343 5.13 27.37 -6.33
CA PRO A 343 5.20 28.77 -6.74
C PRO A 343 6.27 29.53 -5.98
N GLU A 344 6.73 30.64 -6.56
CA GLU A 344 7.65 31.51 -5.83
C GLU A 344 7.36 32.98 -6.09
N HIS A 345 6.29 33.25 -6.84
CA HIS A 345 5.86 34.61 -7.15
C HIS A 345 4.41 34.58 -7.64
N GLN A 346 3.59 35.45 -7.08
CA GLN A 346 2.18 35.52 -7.44
C GLN A 346 1.49 36.78 -6.96
N GLN A 347 0.75 37.42 -7.86
CA GLN A 347 0.10 38.67 -7.53
C GLN A 347 -1.18 38.98 -8.32
N TRP A 348 -1.88 39.99 -7.83
CA TRP A 348 -3.06 40.54 -8.48
C TRP A 348 -2.72 41.97 -8.88
N ILE A 349 -3.13 42.36 -10.09
CA ILE A 349 -2.87 43.71 -10.58
C ILE A 349 -4.17 44.33 -11.14
N TYR A 350 -4.35 45.63 -10.94
CA TYR A 350 -5.55 46.29 -11.43
C TYR A 350 -5.24 47.26 -12.56
N MET A 351 -4.47 48.31 -12.26
CA MET A 351 -4.09 49.24 -13.33
C MET A 351 -2.58 49.26 -13.48
N ASN A 352 -2.03 48.17 -14.02
CA ASN A 352 -0.59 48.03 -14.17
C ASN A 352 0.08 48.10 -12.80
N ARG A 353 -0.75 48.09 -11.75
CA ARG A 353 -0.28 48.17 -10.35
C ARG A 353 -0.83 47.03 -9.49
N THR A 354 0.08 46.28 -8.87
CA THR A 354 -0.33 45.14 -8.06
C THR A 354 -0.87 45.53 -6.68
N PHE A 355 -1.38 44.54 -5.95
CA PHE A 355 -1.94 44.73 -4.62
C PHE A 355 -0.96 44.35 -3.48
N THR A 356 -1.40 44.59 -2.25
CA THR A 356 -0.69 44.14 -1.04
C THR A 356 -1.79 44.04 0.02
N ASP A 357 -2.97 44.39 -0.46
CA ASP A 357 -4.03 44.92 0.35
C ASP A 357 -5.39 44.23 0.59
N LYS A 358 -5.79 43.28 -0.26
CA LYS A 358 -7.15 42.75 -0.12
C LYS A 358 -7.32 41.36 -0.74
N TRP A 359 -6.27 40.55 -0.68
CA TRP A 359 -6.33 39.25 -1.29
C TRP A 359 -5.72 38.13 -0.46
N GLU A 360 -6.28 36.94 -0.65
CA GLU A 360 -5.91 35.75 0.13
C GLU A 360 -5.02 34.85 -0.73
N ASP A 361 -4.64 33.71 -0.17
CA ASP A 361 -3.78 32.76 -0.88
C ASP A 361 -3.76 31.58 0.04
N TYR A 362 -3.82 30.35 -0.46
CA TYR A 362 -3.67 29.19 0.43
C TYR A 362 -3.64 27.84 -0.27
N PRO A 363 -2.90 26.86 0.28
CA PRO A 363 -2.85 25.52 -0.32
C PRO A 363 -4.22 24.91 -0.16
N LYS A 364 -4.60 24.07 -1.13
CA LYS A 364 -5.89 23.42 -1.14
C LYS A 364 -5.90 22.32 -0.12
N SER A 365 -4.91 21.43 -0.18
CA SER A 365 -4.77 20.37 0.81
C SER A 365 -3.35 20.45 1.31
N GLU A 366 -3.15 20.08 2.55
CA GLU A 366 -1.80 20.14 3.06
C GLU A 366 -1.31 18.72 3.15
N ASN A 367 -1.28 18.05 2.00
CA ASN A 367 -0.75 16.70 1.93
C ASN A 367 0.64 16.83 1.41
N GLU A 368 1.23 15.74 0.98
CA GLU A 368 2.56 15.85 0.41
C GLU A 368 2.44 15.89 -1.10
N SER A 369 1.29 15.39 -1.60
CA SER A 369 1.00 15.35 -3.03
C SER A 369 0.30 16.61 -3.55
N ASN A 370 0.20 17.63 -2.71
CA ASN A 370 -0.49 18.84 -3.10
C ASN A 370 0.35 19.62 -4.10
N ILE A 371 -0.28 19.91 -5.23
CA ILE A 371 0.36 20.54 -6.36
C ILE A 371 -0.60 21.69 -6.70
N ARG A 372 -1.70 21.68 -5.95
CA ARG A 372 -2.84 22.55 -6.16
C ARG A 372 -3.02 23.70 -5.13
N TYR A 373 -3.25 24.91 -5.62
CA TYR A 373 -3.45 26.09 -4.77
C TYR A 373 -4.72 26.87 -5.13
N VAL A 374 -4.93 28.01 -4.47
CA VAL A 374 -6.13 28.81 -4.68
C VAL A 374 -5.86 30.19 -4.12
N SER A 375 -6.30 31.20 -4.86
CA SER A 375 -6.19 32.58 -4.40
C SER A 375 -7.51 33.34 -4.57
N GLU A 376 -7.82 34.20 -3.61
CA GLU A 376 -9.04 35.00 -3.70
C GLU A 376 -8.62 36.47 -3.71
N LEU A 377 -9.29 37.28 -4.50
CA LEU A 377 -9.06 38.72 -4.45
C LEU A 377 -10.38 39.32 -3.96
N HIS A 378 -10.37 39.92 -2.77
CA HIS A 378 -11.63 40.37 -2.20
C HIS A 378 -11.88 41.84 -2.46
N LEU A 379 -12.61 42.13 -3.54
CA LEU A 379 -12.98 43.50 -3.83
C LEU A 379 -14.21 43.87 -3.02
N THR A 380 -14.13 45.04 -2.39
CA THR A 380 -15.17 45.47 -1.48
C THR A 380 -15.59 46.92 -1.61
N ARG A 381 -16.89 47.09 -1.35
CA ARG A 381 -17.59 48.37 -1.35
C ARG A 381 -17.30 49.12 -2.63
N LEU A 382 -16.91 48.39 -3.67
CA LEU A 382 -16.36 49.07 -4.83
C LEU A 382 -17.34 50.02 -5.49
N LYS A 383 -16.94 51.29 -5.55
CA LYS A 383 -17.74 52.34 -6.17
C LYS A 383 -17.62 52.18 -7.69
N GLY A 384 -18.66 52.60 -8.40
CA GLY A 384 -18.71 52.45 -9.85
C GLY A 384 -17.40 52.79 -10.55
N THR A 385 -16.45 53.36 -9.81
CA THR A 385 -15.19 53.75 -10.37
C THR A 385 -14.23 52.58 -10.52
N GLU A 386 -14.24 51.67 -9.54
CA GLU A 386 -13.38 50.46 -9.54
C GLU A 386 -13.61 49.48 -10.71
N GLY A 387 -14.37 49.87 -11.72
CA GLY A 387 -14.56 49.01 -12.85
C GLY A 387 -13.20 48.84 -13.44
N GLY A 388 -13.04 47.83 -14.29
CA GLY A 388 -11.75 47.61 -14.94
C GLY A 388 -11.41 46.14 -15.14
N THR A 389 -10.19 45.91 -15.60
CA THR A 389 -9.69 44.56 -15.82
C THR A 389 -8.66 44.19 -14.75
N TYR A 390 -8.91 43.06 -14.09
CA TYR A 390 -8.08 42.52 -13.01
C TYR A 390 -7.38 41.24 -13.44
N THR A 391 -6.09 41.18 -13.16
CA THR A 391 -5.28 40.05 -13.57
C THR A 391 -4.61 39.35 -12.39
N PHE A 392 -4.57 38.02 -12.44
CA PHE A 392 -3.85 37.22 -11.45
C PHE A 392 -2.64 36.55 -12.06
N LEU A 393 -1.48 36.78 -11.45
CA LEU A 393 -0.23 36.23 -11.95
C LEU A 393 0.41 35.24 -11.00
N VAL A 394 1.12 34.26 -11.55
CA VAL A 394 1.82 33.30 -10.71
C VAL A 394 2.89 32.60 -11.53
N SER A 395 3.99 32.27 -10.88
CA SER A 395 5.08 31.60 -11.59
C SER A 395 5.88 30.68 -10.68
N ASN A 396 6.61 29.76 -11.30
CA ASN A 396 7.52 28.89 -10.59
C ASN A 396 8.87 29.08 -11.29
N SER A 397 9.81 28.19 -11.02
CA SER A 397 11.13 28.32 -11.61
C SER A 397 11.11 28.08 -13.12
N ASP A 398 10.12 27.32 -13.60
CA ASP A 398 10.08 26.96 -15.03
C ASP A 398 9.08 27.71 -15.93
N VAL A 399 7.92 28.09 -15.37
CA VAL A 399 6.83 28.71 -16.13
C VAL A 399 6.16 29.83 -15.35
N ASN A 400 5.59 30.76 -16.08
CA ASN A 400 4.75 31.77 -15.47
C ASN A 400 3.39 31.63 -16.16
N ALA A 401 2.31 31.90 -15.44
CA ALA A 401 0.98 31.80 -16.03
C ALA A 401 0.07 32.79 -15.37
N ALA A 402 -0.97 33.20 -16.10
CA ALA A 402 -1.84 34.27 -15.61
C ALA A 402 -3.12 34.31 -16.41
N ILE A 403 -4.20 34.78 -15.79
CA ILE A 403 -5.47 35.02 -16.48
C ILE A 403 -6.15 36.27 -15.99
N ALA A 404 -7.03 36.83 -16.83
CA ALA A 404 -7.69 38.10 -16.54
C ALA A 404 -9.22 38.06 -16.31
N PHE A 405 -9.65 38.74 -15.26
CA PHE A 405 -11.04 38.82 -14.89
C PHE A 405 -11.47 40.19 -15.32
N ASN A 406 -12.51 40.24 -16.14
CA ASN A 406 -13.06 41.50 -16.58
C ASN A 406 -14.16 41.84 -15.62
N VAL A 407 -14.00 42.96 -14.96
CA VAL A 407 -14.96 43.32 -13.96
C VAL A 407 -15.68 44.56 -14.37
N TYR A 408 -16.95 44.39 -14.69
CA TYR A 408 -17.74 45.56 -15.03
C TYR A 408 -18.61 45.91 -13.87
N VAL A 409 -18.59 47.20 -13.57
CA VAL A 409 -19.33 47.72 -12.45
C VAL A 409 -20.45 48.63 -13.00
N ASN A 410 -21.59 48.66 -12.31
CA ASN A 410 -22.73 49.49 -12.73
C ASN A 410 -22.52 50.90 -12.24
N THR A 411 -22.58 51.86 -13.15
CA THR A 411 -22.42 53.23 -12.74
C THR A 411 -23.15 54.21 -13.67
N LYS A 412 -23.37 55.42 -13.16
CA LYS A 412 -24.14 56.44 -13.89
C LYS A 412 -23.30 57.03 -15.02
N PRO A 413 -23.80 56.89 -16.26
CA PRO A 413 -23.13 57.39 -17.47
C PRO A 413 -22.51 58.77 -17.28
N GLU A 414 -21.24 58.90 -17.65
CA GLU A 414 -20.48 60.16 -17.55
C GLU A 414 -20.23 60.72 -18.95
N ILE A 415 -20.67 61.96 -19.18
CA ILE A 415 -20.50 62.62 -20.49
C ILE A 415 -19.05 63.01 -20.78
N LEU A 416 -18.33 62.09 -21.39
CA LEU A 416 -16.92 62.29 -21.71
C LEU A 416 -16.63 63.61 -22.41
N THR A 417 -17.41 63.90 -23.44
CA THR A 417 -17.18 65.12 -24.21
C THR A 417 -18.32 65.53 -25.16
N TYR A 418 -18.65 66.81 -25.08
CA TYR A 418 -19.67 67.43 -25.91
C TYR A 418 -18.94 68.15 -27.05
N ASP A 419 -19.29 67.83 -28.30
CA ASP A 419 -18.64 68.47 -29.45
C ASP A 419 -19.56 69.24 -30.41
N ARG A 420 -18.98 70.09 -31.27
CA ARG A 420 -19.76 70.77 -32.30
C ARG A 420 -18.99 70.92 -33.62
N LEU A 421 -18.73 69.76 -34.26
CA LEU A 421 -18.18 69.75 -35.61
C LEU A 421 -19.37 70.13 -36.44
N VAL A 422 -19.19 71.19 -37.24
CA VAL A 422 -20.33 71.88 -37.80
C VAL A 422 -20.70 71.75 -39.28
N ASN A 423 -21.78 70.99 -39.47
CA ASN A 423 -22.68 71.13 -40.61
C ASN A 423 -23.80 71.72 -39.75
N GLY A 424 -23.39 72.18 -38.56
CA GLY A 424 -24.33 72.57 -37.52
C GLY A 424 -24.66 71.33 -36.71
N MET A 425 -23.95 70.24 -37.03
CA MET A 425 -24.15 68.95 -36.36
C MET A 425 -23.54 68.96 -34.96
N LEU A 426 -24.42 68.71 -33.98
CA LEU A 426 -24.00 68.73 -32.58
C LEU A 426 -23.74 67.30 -32.11
N GLN A 427 -22.68 67.12 -31.33
CA GLN A 427 -22.27 65.80 -30.88
C GLN A 427 -22.31 65.69 -29.36
N CYS A 428 -22.35 64.47 -28.85
CA CYS A 428 -22.40 64.22 -27.41
C CYS A 428 -21.85 62.82 -27.18
N VAL A 429 -20.87 62.69 -26.27
CA VAL A 429 -20.25 61.37 -26.05
C VAL A 429 -20.13 60.96 -24.58
N ALA A 430 -20.70 59.80 -24.25
CA ALA A 430 -20.71 59.32 -22.86
C ALA A 430 -20.26 57.86 -22.68
N ALA A 431 -20.02 57.51 -21.42
CA ALA A 431 -19.56 56.19 -21.04
C ALA A 431 -20.22 55.81 -19.73
N GLY A 432 -20.49 54.53 -19.55
CA GLY A 432 -21.08 54.08 -18.31
C GLY A 432 -21.38 52.61 -18.43
N PHE A 433 -22.26 52.11 -17.57
CA PHE A 433 -22.62 50.71 -17.65
C PHE A 433 -23.92 50.39 -16.95
N PRO A 434 -24.76 49.52 -17.59
CA PRO A 434 -24.45 48.96 -18.92
C PRO A 434 -24.33 50.05 -19.99
N GLU A 435 -24.05 49.66 -21.23
CA GLU A 435 -23.90 50.63 -22.31
C GLU A 435 -24.95 51.73 -22.21
N PRO A 436 -24.51 52.99 -22.38
CA PRO A 436 -25.39 54.14 -22.29
C PRO A 436 -26.03 54.54 -23.64
N THR A 437 -27.36 54.67 -23.67
CA THR A 437 -28.12 55.07 -24.89
C THR A 437 -28.42 56.57 -24.89
N ILE A 438 -28.23 57.25 -26.02
CA ILE A 438 -28.41 58.70 -26.04
C ILE A 438 -29.67 59.23 -26.75
N ASP A 439 -30.61 59.76 -25.98
CA ASP A 439 -31.84 60.31 -26.54
C ASP A 439 -31.79 61.84 -26.54
N TRP A 440 -32.27 62.43 -27.65
CA TRP A 440 -32.26 63.89 -27.82
C TRP A 440 -33.64 64.51 -27.72
N TYR A 441 -33.64 65.76 -27.29
CA TYR A 441 -34.88 66.50 -27.18
C TYR A 441 -34.71 67.95 -27.58
N PHE A 442 -35.63 68.41 -28.43
CA PHE A 442 -35.76 69.83 -28.71
C PHE A 442 -36.81 70.27 -27.71
N CYS A 443 -37.24 71.52 -27.81
CA CYS A 443 -38.27 72.00 -26.92
C CYS A 443 -39.09 73.06 -27.64
N VAL A 454 -41.54 65.01 -27.76
CA VAL A 454 -40.86 64.99 -29.05
C VAL A 454 -39.39 64.57 -28.90
N LEU A 455 -38.64 64.67 -30.00
CA LEU A 455 -37.22 64.23 -30.04
C LEU A 455 -36.68 64.34 -31.47
N PRO A 456 -35.33 64.46 -31.59
CA PRO A 456 -34.58 64.52 -32.86
C PRO A 456 -34.33 63.09 -33.38
N VAL A 457 -33.39 62.91 -34.31
CA VAL A 457 -33.00 61.55 -34.73
C VAL A 457 -31.56 61.20 -34.28
N ASP A 458 -30.84 60.42 -35.07
CA ASP A 458 -29.46 60.10 -34.73
C ASP A 458 -28.60 60.22 -35.98
N VAL A 459 -27.28 60.17 -35.80
CA VAL A 459 -26.35 60.23 -36.92
C VAL A 459 -25.09 59.47 -36.57
N GLN A 460 -25.23 58.55 -35.61
CA GLN A 460 -24.06 57.86 -35.09
C GLN A 460 -24.42 56.63 -34.24
N THR A 461 -23.44 56.18 -33.46
CA THR A 461 -23.13 54.76 -33.43
C THR A 461 -21.80 54.51 -32.69
N LEU A 462 -21.29 53.27 -32.77
CA LEU A 462 -20.39 52.74 -31.73
C LEU A 462 -19.04 53.43 -31.68
N ASN A 463 -18.22 52.98 -30.73
CA ASN A 463 -17.02 53.77 -30.37
C ASN A 463 -15.91 52.89 -29.80
N SER A 464 -15.10 52.32 -30.68
CA SER A 464 -13.86 51.67 -30.24
C SER A 464 -12.94 52.81 -29.71
N GLY A 466 -9.79 49.37 -26.32
CA GLY A 466 -8.94 50.53 -25.71
C GLY A 466 -9.60 50.99 -24.41
N PRO A 467 -8.95 51.94 -23.69
CA PRO A 467 -9.58 52.56 -22.51
C PRO A 467 -10.71 53.52 -22.88
N PRO A 468 -11.71 53.69 -21.98
CA PRO A 468 -11.80 53.10 -20.64
C PRO A 468 -11.93 51.58 -20.64
N PHE A 469 -11.62 50.95 -19.51
CA PHE A 469 -11.83 49.51 -19.38
C PHE A 469 -12.98 49.25 -18.42
N GLY A 470 -13.94 48.42 -18.86
CA GLY A 470 -15.08 48.13 -18.02
C GLY A 470 -16.15 49.21 -18.14
N LYS A 471 -16.02 50.07 -19.15
CA LYS A 471 -17.05 51.06 -19.49
C LYS A 471 -17.20 51.17 -21.00
N LEU A 472 -18.41 50.97 -21.52
CA LEU A 472 -18.64 51.07 -22.95
C LEU A 472 -18.98 52.52 -23.29
N VAL A 473 -18.43 53.03 -24.41
CA VAL A 473 -18.65 54.43 -24.82
C VAL A 473 -19.65 54.59 -25.98
N VAL A 474 -20.62 55.50 -25.80
CA VAL A 474 -21.64 55.75 -26.83
C VAL A 474 -21.37 57.07 -27.56
N GLN A 475 -21.75 57.15 -28.84
CA GLN A 475 -21.57 58.36 -29.65
C GLN A 475 -22.75 58.69 -30.59
N SER A 476 -23.59 59.64 -30.19
CA SER A 476 -24.74 60.02 -31.02
C SER A 476 -24.66 61.47 -31.45
N SER A 477 -25.29 61.78 -32.58
CA SER A 477 -25.28 63.13 -33.18
C SER A 477 -26.66 63.56 -33.76
N ILE A 478 -26.85 64.87 -33.86
CA ILE A 478 -28.05 65.47 -34.41
C ILE A 478 -27.65 66.53 -35.48
N ASP A 479 -28.64 67.00 -36.25
CA ASP A 479 -28.38 67.92 -37.37
C ASP A 479 -28.60 69.41 -37.08
N SER A 480 -29.63 69.72 -36.29
CA SER A 480 -29.89 71.09 -35.85
C SER A 480 -30.29 72.02 -36.97
N SER A 481 -30.27 71.52 -38.20
CA SER A 481 -30.70 72.33 -39.32
C SER A 481 -32.23 72.32 -39.43
N ALA A 482 -32.84 72.89 -38.40
CA ALA A 482 -34.31 73.03 -38.30
C ALA A 482 -34.45 73.73 -36.92
N PHE A 483 -34.98 74.92 -37.13
CA PHE A 483 -35.07 75.99 -36.16
C PHE A 483 -36.17 76.12 -35.12
N LYS A 484 -36.27 77.42 -34.71
CA LYS A 484 -37.36 77.89 -33.89
C LYS A 484 -37.25 77.87 -32.36
N HIS A 485 -36.54 78.86 -31.81
CA HIS A 485 -36.46 79.01 -30.36
C HIS A 485 -37.60 79.95 -29.96
N CYS A 491 -29.57 66.56 -25.12
CA CYS A 491 -28.57 65.48 -25.06
C CYS A 491 -28.73 64.67 -23.77
N LYS A 492 -29.50 63.58 -23.86
CA LYS A 492 -29.69 62.69 -22.70
C LYS A 492 -29.08 61.31 -22.84
N ALA A 493 -28.20 60.99 -21.90
CA ALA A 493 -27.59 59.68 -21.82
C ALA A 493 -28.37 58.87 -20.79
N TYR A 494 -28.43 57.55 -20.95
CA TYR A 494 -29.07 56.68 -19.98
C TYR A 494 -28.91 55.21 -20.33
N ASN A 495 -28.98 54.36 -19.31
CA ASN A 495 -28.96 52.91 -19.47
C ASN A 495 -29.78 52.40 -18.32
N ASP A 496 -29.78 51.08 -18.12
CA ASP A 496 -30.54 50.45 -17.03
C ASP A 496 -30.24 51.04 -15.63
N VAL A 497 -29.22 51.90 -15.51
CA VAL A 497 -28.82 52.40 -14.20
C VAL A 497 -29.09 53.88 -13.99
N GLY A 498 -28.52 54.74 -14.83
CA GLY A 498 -28.67 56.16 -14.62
C GLY A 498 -28.92 56.93 -15.89
N LYS A 499 -29.03 58.26 -15.74
CA LYS A 499 -29.21 59.17 -16.86
C LYS A 499 -28.51 60.51 -16.58
N THR A 500 -27.56 60.86 -17.45
CA THR A 500 -26.88 62.15 -17.38
C THR A 500 -27.20 62.99 -18.62
N SER A 501 -26.90 64.28 -18.56
CA SER A 501 -27.20 65.22 -19.66
C SER A 501 -26.15 66.37 -19.78
N ALA A 502 -25.91 66.83 -21.01
CA ALA A 502 -25.11 68.04 -21.27
C ALA A 502 -25.95 68.90 -22.21
N TYR A 503 -25.67 70.20 -22.29
CA TYR A 503 -26.55 71.06 -23.07
C TYR A 503 -25.92 72.01 -24.05
N PHE A 504 -26.52 72.06 -25.23
CA PHE A 504 -26.09 72.98 -26.26
C PHE A 504 -27.16 74.01 -26.44
N ASN A 505 -26.72 75.08 -27.08
CA ASN A 505 -27.58 76.19 -27.39
C ASN A 505 -27.03 76.88 -28.63
N PHE A 506 -27.97 77.45 -29.40
CA PHE A 506 -27.65 78.18 -30.63
C PHE A 506 -28.85 79.08 -30.96
N ALA A 507 -28.70 79.92 -31.98
CA ALA A 507 -29.83 80.73 -32.41
C ALA A 507 -29.88 80.71 -33.92
N PHE A 508 -31.09 80.90 -34.48
CA PHE A 508 -31.27 80.96 -35.92
C PHE A 508 -31.04 82.46 -36.29
C1 NAG B . -2.06 -29.20 11.41
C2 NAG B . -2.46 -27.83 10.79
C3 NAG B . -3.97 -27.64 10.71
C4 NAG B . -4.54 -28.82 9.91
C5 NAG B . -4.23 -30.10 10.75
C6 NAG B . -4.83 -31.42 10.24
C7 NAG B . -1.41 -25.64 10.90
C8 NAG B . -1.65 -24.28 11.52
N2 NAG B . -1.86 -26.72 11.54
O3 NAG B . -4.25 -26.42 10.04
O4 NAG B . -5.94 -28.66 9.64
O5 NAG B . -2.80 -30.29 10.83
O6 NAG B . -4.48 -32.49 11.11
O7 NAG B . -0.82 -25.69 9.82
C1 NAG C . -0.44 -16.59 -2.35
C2 NAG C . -0.07 -17.13 -3.75
C3 NAG C . -0.98 -18.29 -4.16
C4 NAG C . -1.17 -19.32 -3.06
C5 NAG C . -1.50 -18.63 -1.73
C6 NAG C . -1.52 -19.64 -0.61
C7 NAG C . 0.86 -15.33 -5.07
C8 NAG C . 0.54 -14.01 -5.76
N2 NAG C . -0.20 -16.10 -4.76
O3 NAG C . -0.44 -18.93 -5.30
O4 NAG C . -2.25 -20.17 -3.44
O5 NAG C . -0.46 -17.70 -1.45
O6 NAG C . -0.44 -20.54 -0.84
O7 NAG C . 2.04 -15.65 -4.80
C1 NAG D . -5.26 -5.36 -3.63
C2 NAG D . -6.04 -6.55 -4.25
C3 NAG D . -7.53 -6.27 -4.47
C4 NAG D . -8.13 -5.53 -3.27
C5 NAG D . -7.18 -4.42 -2.78
C6 NAG D . -7.70 -3.71 -1.53
C7 NAG D . -4.73 -8.07 -5.67
C8 NAG D . -4.33 -8.40 -7.08
N2 NAG D . -5.41 -6.92 -5.50
O3 NAG D . -8.23 -7.49 -4.72
O4 NAG D . -9.42 -4.99 -3.60
O5 NAG D . -5.93 -4.98 -2.45
O6 NAG D . -7.87 -4.68 -0.49
O7 NAG D . -4.43 -8.82 -4.73
C1 NAG E . -3.84 13.88 0.39
C2 NAG E . -5.17 13.29 0.89
C3 NAG E . -6.15 13.03 -0.27
C4 NAG E . -5.94 14.01 -1.44
C5 NAG E . -4.49 13.97 -1.96
C6 NAG E . -3.97 15.34 -2.49
C7 NAG E . -4.41 12.10 2.88
C8 NAG E . -2.93 11.80 3.05
N2 NAG E . -4.91 12.08 1.65
O3 NAG E . -7.47 13.16 0.21
O4 NAG E . -6.82 13.67 -2.50
O5 NAG E . -3.58 13.46 -0.97
O6 NAG E . -4.36 16.41 -1.60
O7 NAG E . -5.10 12.36 3.88
C1 NAG F . -21.05 33.23 -17.79
C2 NAG F . -21.49 34.13 -18.94
C3 NAG F . -22.05 33.29 -20.12
C4 NAG F . -21.25 31.99 -20.40
C5 NAG F . -20.76 31.30 -19.12
C6 NAG F . -19.76 30.19 -19.43
C7 NAG F . -23.00 36.04 -19.27
C8 NAG F . -24.36 36.60 -18.90
N2 NAG F . -22.48 35.10 -18.47
O3 NAG F . -22.07 34.09 -21.28
O4 NAG F . -22.06 31.06 -21.12
O5 NAG F . -20.13 32.26 -18.28
O6 NAG F . -19.32 29.52 -18.25
O7 NAG F . -22.43 36.44 -20.28
#